data_3WWC
#
_entry.id   3WWC
#
_cell.length_a   58.326
_cell.length_b   65.236
_cell.length_c   84.334
_cell.angle_alpha   90.00
_cell.angle_beta   90.00
_cell.angle_gamma   90.00
#
_symmetry.space_group_name_H-M   'P 21 21 21'
#
loop_
_entity.id
_entity.type
_entity.pdbx_description
1 polymer 'Oxidized polyvinyl alcohol hydrolase'
2 non-polymer 'CITRIC ACID'
3 non-polymer 'butanoic acid'
4 water water
#
_entity_poly.entity_id   1
_entity_poly.type   'polypeptide(L)'
_entity_poly.pdbx_seq_one_letter_code
;AGAGADRTAATPAAANPAATEPVKWECPAGYEVKEGLNVDFPHKGMKRAFIVYPAKNVSGPAPVWVPMTGSVESTNDNLT
VARSGANSILADHGYTVIAPVRACANQDPNIRGERCNGPGSNGWNWNPWFEGRAADPSGEHWKNDEGPDSSFFVAMVQCV
GTKYKLDARRLFLGGIASGGTMTNRALLFRSNFWAGGLPISGEWYVTSDDGTPLSFDDARAAVAAAPTKIHQGRVGPYPL
PAKVGPLIVMTVWGGEKDLWNCTRPDGSRFLCADYRPSTQAGSNFFSAQPDVVHVACSSTHGHMWPQLNTQEFNRWALDT
LASHPKGSDPRSFKLTQPPEGYTCHVGPFTGLYASAWSHPQFEK
;
_entity_poly.pdbx_strand_id   A
#
# COMPACT_ATOMS: atom_id res chain seq x y z
N VAL A 23 11.54 12.59 -12.13
CA VAL A 23 10.12 12.48 -12.63
C VAL A 23 9.80 13.35 -13.85
N LYS A 24 9.17 12.72 -14.85
CA LYS A 24 8.79 13.42 -16.08
C LYS A 24 7.26 13.43 -16.19
N TRP A 25 6.69 14.61 -16.36
CA TRP A 25 5.25 14.71 -16.45
C TRP A 25 4.80 14.50 -17.89
N GLU A 26 3.96 13.50 -18.11
CA GLU A 26 3.51 13.22 -19.47
C GLU A 26 2.24 12.39 -19.44
N CYS A 27 1.39 12.55 -20.44
CA CYS A 27 0.16 11.75 -20.52
C CYS A 27 0.12 11.01 -21.83
N PRO A 28 -0.65 9.91 -21.88
CA PRO A 28 -0.78 9.18 -23.15
C PRO A 28 -1.35 10.24 -24.07
N ALA A 29 -0.95 10.21 -25.34
CA ALA A 29 -1.40 11.24 -26.26
C ALA A 29 -2.87 11.51 -26.31
N GLY A 30 -3.19 12.77 -26.13
CA GLY A 30 -4.57 13.20 -26.22
C GLY A 30 -5.38 13.01 -24.95
N TYR A 31 -4.78 12.44 -23.90
CA TYR A 31 -5.56 12.24 -22.68
C TYR A 31 -5.76 13.55 -21.95
N GLU A 32 -6.99 13.87 -21.60
CA GLU A 32 -7.25 15.14 -20.93
C GLU A 32 -7.59 14.87 -19.48
N VAL A 33 -6.65 15.11 -18.58
CA VAL A 33 -6.87 14.91 -17.15
C VAL A 33 -7.83 15.92 -16.60
N LYS A 34 -8.64 15.48 -15.64
CA LYS A 34 -9.60 16.38 -15.05
C LYS A 34 -9.72 16.18 -13.56
N GLU A 35 -10.34 17.17 -12.90
CA GLU A 35 -10.60 17.04 -11.48
C GLU A 35 -11.72 16.03 -11.44
N GLY A 36 -11.74 15.21 -10.40
CA GLY A 36 -12.78 14.22 -10.27
C GLY A 36 -12.46 12.90 -10.97
N LEU A 37 -13.49 12.24 -11.49
CA LEU A 37 -13.30 10.95 -12.12
C LEU A 37 -12.71 11.00 -13.52
N ASN A 38 -11.62 10.23 -13.75
CA ASN A 38 -10.97 10.14 -15.08
C ASN A 38 -11.15 8.70 -15.51
N VAL A 39 -11.61 8.48 -16.73
CA VAL A 39 -11.86 7.13 -17.21
C VAL A 39 -11.13 6.86 -18.50
N ASP A 40 -11.14 5.61 -18.96
CA ASP A 40 -10.47 5.19 -20.20
C ASP A 40 -9.01 5.59 -20.35
N PHE A 41 -8.29 5.55 -19.22
CA PHE A 41 -6.86 5.88 -19.26
C PHE A 41 -6.20 4.62 -19.78
N PRO A 42 -5.50 4.70 -20.91
CA PRO A 42 -4.86 3.53 -21.52
C PRO A 42 -3.57 3.14 -20.85
N HIS A 43 -3.48 1.89 -20.43
CA HIS A 43 -2.24 1.39 -19.87
C HIS A 43 -2.11 -0.12 -20.06
N LYS A 44 -1.05 -0.55 -20.70
CA LYS A 44 -0.80 -2.00 -20.94
C LYS A 44 -2.01 -2.79 -21.46
N GLY A 45 -2.72 -2.21 -22.42
CA GLY A 45 -3.88 -2.88 -22.99
C GLY A 45 -5.16 -2.82 -22.18
N MET A 46 -5.11 -2.16 -21.02
CA MET A 46 -6.32 -2.01 -20.19
C MET A 46 -6.78 -0.57 -20.23
N LYS A 47 -8.02 -0.33 -19.84
CA LYS A 47 -8.56 1.01 -19.73
C LYS A 47 -8.81 1.15 -18.25
N ARG A 48 -8.15 2.13 -17.65
CA ARG A 48 -8.23 2.36 -16.22
C ARG A 48 -8.90 3.66 -15.82
N ALA A 49 -9.26 3.78 -14.54
CA ALA A 49 -9.88 4.97 -14.05
C ALA A 49 -9.25 5.37 -12.73
N PHE A 50 -9.39 6.64 -12.42
CA PHE A 50 -8.86 7.17 -11.16
C PHE A 50 -9.52 8.49 -10.86
N ILE A 51 -9.48 8.91 -9.62
CA ILE A 51 -10.17 10.13 -9.19
C ILE A 51 -9.15 11.10 -8.63
N VAL A 52 -9.28 12.37 -9.00
CA VAL A 52 -8.35 13.38 -8.54
C VAL A 52 -9.03 14.43 -7.69
N TYR A 53 -8.49 14.67 -6.49
CA TYR A 53 -8.96 15.78 -5.65
C TYR A 53 -7.73 16.69 -5.49
N PRO A 54 -7.69 17.84 -6.19
CA PRO A 54 -6.53 18.74 -6.09
C PRO A 54 -6.37 19.35 -4.71
N ALA A 55 -5.11 19.54 -4.30
CA ALA A 55 -4.82 20.08 -2.99
C ALA A 55 -5.42 21.44 -2.76
N LYS A 56 -5.88 21.67 -1.54
CA LYS A 56 -6.41 22.99 -1.12
C LYS A 56 -5.40 23.72 -0.23
N ASN A 57 -5.48 25.06 -0.21
CA ASN A 57 -4.59 25.91 0.60
C ASN A 57 -3.09 25.75 0.34
N VAL A 58 -2.74 25.38 -0.89
CA VAL A 58 -1.34 25.17 -1.23
C VAL A 58 -0.92 25.98 -2.46
N SER A 59 0.20 26.69 -2.39
CA SER A 59 0.64 27.34 -3.61
C SER A 59 1.94 26.60 -3.97
N GLY A 60 2.14 26.36 -5.25
CA GLY A 60 3.32 25.65 -5.71
C GLY A 60 3.09 24.14 -5.71
N PRO A 61 4.12 23.33 -5.98
CA PRO A 61 3.96 21.87 -6.02
C PRO A 61 3.40 21.26 -4.72
N ALA A 62 2.40 20.41 -4.89
CA ALA A 62 1.78 19.81 -3.72
C ALA A 62 2.20 18.39 -3.53
N PRO A 63 2.27 17.93 -2.27
CA PRO A 63 2.62 16.53 -2.00
C PRO A 63 1.36 15.74 -2.49
N VAL A 64 1.61 14.49 -2.82
CA VAL A 64 0.62 13.57 -3.40
C VAL A 64 0.33 12.43 -2.51
N TRP A 65 -0.97 12.08 -2.46
CA TRP A 65 -1.44 10.92 -1.71
C TRP A 65 -2.22 10.05 -2.69
N VAL A 66 -1.83 8.77 -2.81
CA VAL A 66 -2.49 7.79 -3.69
C VAL A 66 -3.04 6.71 -2.76
N PRO A 67 -4.30 6.86 -2.32
CA PRO A 67 -4.92 5.89 -1.43
C PRO A 67 -5.58 4.77 -2.20
N MET A 68 -5.46 3.56 -1.64
CA MET A 68 -6.05 2.38 -2.27
C MET A 68 -6.97 1.66 -1.33
N THR A 69 -8.15 1.30 -1.82
CA THR A 69 -9.08 0.50 -1.04
C THR A 69 -8.62 -0.95 -1.00
N GLY A 70 -9.41 -1.76 -0.30
CA GLY A 70 -9.09 -3.18 -0.16
C GLY A 70 -9.94 -4.08 -1.03
N SER A 71 -10.41 -5.17 -0.43
CA SER A 71 -11.19 -6.17 -1.16
C SER A 71 -12.65 -5.94 -1.24
N VAL A 72 -13.23 -5.30 -0.21
CA VAL A 72 -14.69 -5.11 -0.20
C VAL A 72 -15.16 -3.66 -0.23
N GLU A 73 -14.39 -2.71 0.28
CA GLU A 73 -14.84 -1.34 0.21
C GLU A 73 -14.62 -0.75 -1.17
N SER A 74 -15.52 0.10 -1.64
CA SER A 74 -15.30 0.72 -2.93
C SER A 74 -14.27 1.83 -2.89
N THR A 75 -13.79 2.23 -4.05
CA THR A 75 -12.87 3.38 -4.09
C THR A 75 -13.61 4.59 -3.51
N ASN A 76 -14.89 4.77 -3.89
CA ASN A 76 -15.65 5.89 -3.32
C ASN A 76 -15.77 5.79 -1.81
N ASP A 77 -15.96 4.58 -1.29
CA ASP A 77 -16.01 4.41 0.17
C ASP A 77 -14.67 4.88 0.77
N ASN A 78 -13.57 4.37 0.25
CA ASN A 78 -12.24 4.71 0.76
C ASN A 78 -12.02 6.20 0.72
N LEU A 79 -12.59 6.88 -0.27
CA LEU A 79 -12.40 8.31 -0.41
C LEU A 79 -13.38 9.18 0.38
N THR A 80 -14.60 8.68 0.62
CA THR A 80 -15.61 9.58 1.22
C THR A 80 -16.33 9.11 2.45
N VAL A 81 -16.21 7.84 2.83
CA VAL A 81 -16.95 7.34 4.00
C VAL A 81 -16.01 7.34 5.18
N ALA A 82 -16.43 7.99 6.28
CA ALA A 82 -15.56 8.10 7.42
C ALA A 82 -15.00 6.80 7.96
N ARG A 83 -15.83 5.76 8.08
CA ARG A 83 -15.37 4.49 8.62
C ARG A 83 -14.40 3.78 7.68
N SER A 84 -14.30 4.25 6.44
CA SER A 84 -13.41 3.66 5.45
C SER A 84 -12.18 4.53 5.22
N GLY A 85 -12.11 5.63 5.94
CA GLY A 85 -10.93 6.52 5.84
C GLY A 85 -11.14 7.90 5.31
N ALA A 86 -12.23 8.08 4.56
CA ALA A 86 -12.56 9.39 3.91
C ALA A 86 -11.27 10.05 3.44
N ASN A 87 -10.55 9.34 2.58
CA ASN A 87 -9.23 9.80 2.13
C ASN A 87 -9.22 11.07 1.27
N SER A 88 -10.35 11.42 0.64
CA SER A 88 -10.39 12.64 -0.13
C SER A 88 -10.25 13.87 0.74
N ILE A 89 -10.50 13.73 2.02
CA ILE A 89 -10.38 14.85 2.95
C ILE A 89 -8.96 15.32 3.06
N LEU A 90 -7.99 14.46 2.73
CA LEU A 90 -6.59 14.95 2.74
C LEU A 90 -6.37 16.06 1.73
N ALA A 91 -7.23 16.24 0.74
CA ALA A 91 -7.06 17.38 -0.17
C ALA A 91 -7.29 18.69 0.61
N ASP A 92 -8.16 18.68 1.61
CA ASP A 92 -8.41 19.85 2.46
C ASP A 92 -7.21 20.04 3.38
N HIS A 93 -6.30 19.06 3.40
CA HIS A 93 -5.09 19.10 4.25
C HIS A 93 -3.87 19.48 3.43
N GLY A 94 -4.06 19.80 2.16
CA GLY A 94 -2.97 20.23 1.29
C GLY A 94 -2.27 19.16 0.47
N TYR A 95 -2.96 18.06 0.17
CA TYR A 95 -2.38 17.01 -0.65
C TYR A 95 -3.24 16.84 -1.88
N THR A 96 -2.59 16.59 -3.00
CA THR A 96 -3.36 16.27 -4.19
C THR A 96 -3.56 14.74 -4.11
N VAL A 97 -4.83 14.36 -4.00
CA VAL A 97 -5.23 12.95 -3.84
C VAL A 97 -5.55 12.38 -5.21
N ILE A 98 -4.87 11.27 -5.56
CA ILE A 98 -5.03 10.64 -6.88
C ILE A 98 -5.29 9.18 -6.54
N ALA A 99 -6.57 8.76 -6.67
CA ALA A 99 -7.03 7.46 -6.19
C ALA A 99 -7.38 6.55 -7.32
N PRO A 100 -6.65 5.46 -7.47
CA PRO A 100 -6.93 4.53 -8.57
C PRO A 100 -8.09 3.61 -8.30
N VAL A 101 -8.83 3.28 -9.36
CA VAL A 101 -9.93 2.30 -9.27
C VAL A 101 -9.33 0.94 -9.60
N ARG A 102 -9.78 -0.10 -8.92
CA ARG A 102 -9.28 -1.45 -9.13
C ARG A 102 -9.65 -1.96 -10.54
N ALA A 103 -8.76 -2.68 -11.19
CA ALA A 103 -9.03 -3.19 -12.53
C ALA A 103 -10.31 -4.04 -12.55
N CYS A 104 -10.46 -4.89 -11.53
CA CYS A 104 -11.62 -5.76 -11.44
C CYS A 104 -12.95 -4.99 -11.37
N ALA A 105 -12.92 -3.72 -10.95
CA ALA A 105 -14.17 -2.94 -10.83
C ALA A 105 -14.64 -2.38 -12.17
N ASN A 106 -13.88 -2.63 -13.23
CA ASN A 106 -14.27 -2.18 -14.58
C ASN A 106 -14.62 -0.72 -14.61
N GLN A 107 -13.73 0.06 -14.01
CA GLN A 107 -13.79 1.51 -13.96
C GLN A 107 -14.87 2.14 -13.11
N ASP A 108 -15.61 1.32 -12.35
CA ASP A 108 -16.69 1.83 -11.53
C ASP A 108 -16.16 2.06 -10.12
N PRO A 109 -16.02 3.32 -9.70
CA PRO A 109 -15.53 3.58 -8.34
C PRO A 109 -16.47 3.22 -7.24
N ASN A 110 -17.67 2.76 -7.57
CA ASN A 110 -18.64 2.35 -6.54
C ASN A 110 -18.68 0.86 -6.32
N ILE A 111 -18.08 0.06 -7.19
CA ILE A 111 -18.04 -1.38 -6.99
C ILE A 111 -17.39 -1.66 -5.66
N ARG A 112 -17.99 -2.55 -4.87
CA ARG A 112 -17.45 -2.93 -3.57
C ARG A 112 -16.76 -4.29 -3.72
N GLY A 113 -17.35 -5.40 -3.29
CA GLY A 113 -16.66 -6.66 -3.49
C GLY A 113 -17.04 -7.43 -4.75
N GLU A 114 -18.02 -6.96 -5.52
CA GLU A 114 -18.49 -7.69 -6.68
C GLU A 114 -17.39 -7.87 -7.74
N ARG A 115 -17.07 -9.14 -8.01
CA ARG A 115 -16.04 -9.53 -8.97
C ARG A 115 -14.68 -9.02 -8.62
N CYS A 116 -14.49 -8.59 -7.37
CA CYS A 116 -13.20 -8.12 -6.90
C CYS A 116 -12.71 -8.91 -5.70
N ASN A 117 -13.61 -9.25 -4.79
CA ASN A 117 -13.22 -9.92 -3.55
C ASN A 117 -13.09 -11.42 -3.74
N GLY A 118 -11.91 -11.87 -4.17
CA GLY A 118 -11.70 -13.28 -4.37
C GLY A 118 -10.32 -13.48 -4.97
N PRO A 119 -9.94 -14.72 -5.23
CA PRO A 119 -8.64 -15.09 -5.79
C PRO A 119 -8.36 -14.43 -7.15
N GLY A 120 -7.09 -14.18 -7.42
CA GLY A 120 -6.74 -13.57 -8.66
C GLY A 120 -6.63 -14.58 -9.79
N SER A 121 -6.35 -14.07 -10.98
CA SER A 121 -6.19 -14.93 -12.13
C SER A 121 -4.92 -14.52 -12.83
N ASN A 122 -4.53 -15.22 -13.90
CA ASN A 122 -3.34 -14.84 -14.66
C ASN A 122 -2.05 -14.77 -13.88
N GLY A 123 -1.95 -15.61 -12.86
CA GLY A 123 -0.73 -15.63 -12.07
C GLY A 123 -0.73 -14.75 -10.84
N TRP A 124 -1.82 -14.03 -10.61
CA TRP A 124 -1.95 -13.14 -9.44
C TRP A 124 -2.63 -13.83 -8.29
N ASN A 125 -2.20 -13.51 -7.08
CA ASN A 125 -2.77 -14.16 -5.93
C ASN A 125 -4.21 -13.76 -5.58
N TRP A 126 -4.47 -12.47 -5.63
CA TRP A 126 -5.73 -11.90 -5.14
C TRP A 126 -6.25 -10.86 -6.14
N ASN A 127 -7.52 -10.92 -6.45
CA ASN A 127 -8.08 -10.08 -7.53
C ASN A 127 -8.21 -8.55 -7.39
N PRO A 128 -8.30 -7.98 -6.16
CA PRO A 128 -8.46 -6.52 -6.09
C PRO A 128 -7.37 -5.69 -6.76
N TRP A 129 -6.11 -6.12 -6.57
CA TRP A 129 -4.98 -5.41 -7.16
C TRP A 129 -3.99 -6.48 -7.60
N PHE A 130 -3.09 -6.08 -8.52
CA PHE A 130 -2.04 -7.02 -8.95
C PHE A 130 -0.92 -6.82 -7.93
N GLU A 131 -1.11 -7.47 -6.79
CA GLU A 131 -0.28 -7.24 -5.63
C GLU A 131 0.56 -8.39 -5.10
N GLY A 132 0.51 -9.56 -5.75
CA GLY A 132 1.35 -10.64 -5.27
C GLY A 132 1.25 -11.80 -6.26
N ARG A 133 2.34 -12.52 -6.45
CA ARG A 133 2.29 -13.66 -7.36
C ARG A 133 1.54 -14.80 -6.70
N ALA A 134 0.82 -15.57 -7.52
CA ALA A 134 0.08 -16.71 -7.05
C ALA A 134 1.03 -17.79 -6.55
N ALA A 135 0.50 -18.72 -5.74
CA ALA A 135 1.30 -19.80 -5.16
C ALA A 135 1.66 -20.90 -6.13
N ASP A 136 0.94 -21.00 -7.24
CA ASP A 136 1.25 -22.04 -8.23
C ASP A 136 2.18 -21.51 -9.29
N PRO A 137 2.69 -22.35 -10.19
CA PRO A 137 3.60 -21.90 -11.21
C PRO A 137 3.18 -20.79 -12.15
N SER A 138 1.88 -20.52 -12.27
CA SER A 138 1.49 -19.42 -13.14
C SER A 138 1.99 -18.11 -12.57
N GLY A 139 2.38 -18.09 -11.31
CA GLY A 139 2.89 -16.83 -10.73
C GLY A 139 4.35 -16.54 -11.01
N GLU A 140 5.05 -17.52 -11.61
CA GLU A 140 6.47 -17.37 -11.84
C GLU A 140 6.88 -16.09 -12.50
N HIS A 141 6.13 -15.70 -13.53
CA HIS A 141 6.52 -14.51 -14.27
C HIS A 141 6.53 -13.24 -13.43
N TRP A 142 5.66 -13.19 -12.44
CA TRP A 142 5.58 -12.00 -11.61
C TRP A 142 6.67 -11.93 -10.59
N LYS A 143 7.58 -12.91 -10.58
CA LYS A 143 8.72 -12.83 -9.67
C LYS A 143 9.58 -11.62 -10.02
N ASN A 144 9.61 -11.16 -11.27
CA ASN A 144 10.43 -10.00 -11.47
C ASN A 144 9.84 -9.01 -12.47
N ASP A 145 8.52 -8.95 -12.48
CA ASP A 145 7.77 -8.00 -13.29
C ASP A 145 6.78 -7.38 -12.29
N GLU A 146 6.84 -6.06 -12.14
CA GLU A 146 6.02 -5.33 -11.19
C GLU A 146 4.54 -5.56 -11.39
N GLY A 147 4.14 -5.84 -12.62
CA GLY A 147 2.70 -6.01 -12.85
C GLY A 147 2.03 -4.73 -13.33
N PRO A 148 0.81 -4.83 -13.86
CA PRO A 148 0.13 -3.65 -14.39
C PRO A 148 -0.44 -2.62 -13.45
N ASP A 149 -0.61 -2.93 -12.16
CA ASP A 149 -1.07 -1.90 -11.29
C ASP A 149 0.10 -0.99 -10.89
N SER A 150 1.24 -1.60 -10.51
CA SER A 150 2.39 -0.79 -10.13
C SER A 150 2.76 0.18 -11.25
N SER A 151 2.79 -0.32 -12.49
CA SER A 151 3.14 0.60 -13.60
C SER A 151 2.04 1.61 -13.91
N PHE A 152 0.79 1.22 -13.75
CA PHE A 152 -0.30 2.15 -14.01
C PHE A 152 -0.20 3.30 -13.05
N PHE A 153 0.09 3.04 -11.78
CA PHE A 153 0.09 4.16 -10.81
C PHE A 153 1.15 5.20 -11.15
N VAL A 154 2.28 4.75 -11.66
CA VAL A 154 3.35 5.69 -12.02
C VAL A 154 2.85 6.52 -13.21
N ALA A 155 2.29 5.86 -14.20
CA ALA A 155 1.77 6.58 -15.36
C ALA A 155 0.66 7.54 -15.00
N MET A 156 -0.19 7.14 -14.05
CA MET A 156 -1.30 7.93 -13.57
C MET A 156 -0.79 9.23 -12.92
N VAL A 157 0.18 9.10 -12.03
CA VAL A 157 0.70 10.26 -11.33
C VAL A 157 1.48 11.16 -12.34
N GLN A 158 2.24 10.54 -13.25
CA GLN A 158 2.98 11.37 -14.25
C GLN A 158 2.01 12.14 -15.13
N CYS A 159 0.84 11.58 -15.41
CA CYS A 159 -0.15 12.29 -16.20
C CYS A 159 -0.84 13.41 -15.44
N VAL A 160 -1.26 13.15 -14.19
CA VAL A 160 -1.94 14.19 -13.41
C VAL A 160 -0.99 15.40 -13.23
N GLY A 161 0.31 15.12 -13.13
CA GLY A 161 1.30 16.18 -12.92
C GLY A 161 1.43 17.12 -14.11
N THR A 162 0.81 16.81 -15.24
CA THR A 162 0.85 17.75 -16.36
C THR A 162 -0.26 18.78 -16.14
N LYS A 163 -1.22 18.52 -15.26
CA LYS A 163 -2.32 19.46 -15.05
C LYS A 163 -2.29 20.17 -13.70
N TYR A 164 -1.78 19.47 -12.69
CA TYR A 164 -1.67 20.04 -11.36
C TYR A 164 -0.20 19.97 -10.97
N LYS A 165 0.27 20.93 -10.18
CA LYS A 165 1.68 20.99 -9.75
C LYS A 165 1.90 20.00 -8.63
N LEU A 166 2.72 19.00 -8.91
CA LEU A 166 2.98 17.94 -7.95
C LEU A 166 4.46 17.98 -7.53
N ASP A 167 4.68 17.75 -6.24
CA ASP A 167 6.02 17.70 -5.66
C ASP A 167 6.62 16.32 -5.90
N ALA A 168 7.59 16.24 -6.82
CA ALA A 168 8.20 14.97 -7.20
C ALA A 168 9.00 14.29 -6.10
N ARG A 169 9.23 15.01 -5.00
CA ARG A 169 9.93 14.44 -3.84
C ARG A 169 8.93 14.01 -2.76
N ARG A 170 7.63 14.14 -3.03
CA ARG A 170 6.63 13.81 -1.99
C ARG A 170 5.47 13.09 -2.65
N LEU A 171 5.80 12.04 -3.38
CA LEU A 171 4.76 11.20 -4.00
C LEU A 171 4.58 9.96 -3.09
N PHE A 172 3.41 9.87 -2.42
CA PHE A 172 3.16 8.80 -1.46
C PHE A 172 1.95 7.97 -1.82
N LEU A 173 2.04 6.65 -1.62
CA LEU A 173 0.84 5.83 -1.83
C LEU A 173 0.58 4.98 -0.59
N GLY A 174 -0.63 4.47 -0.43
CA GLY A 174 -0.89 3.66 0.75
C GLY A 174 -2.26 3.08 0.63
N GLY A 175 -2.59 2.19 1.53
CA GLY A 175 -3.92 1.57 1.41
C GLY A 175 -4.11 0.55 2.49
N ILE A 176 -5.31 0.00 2.52
CA ILE A 176 -5.74 -0.95 3.52
C ILE A 176 -5.92 -2.36 2.95
N ALA A 177 -5.42 -3.35 3.69
CA ALA A 177 -5.67 -4.75 3.34
C ALA A 177 -5.04 -5.06 2.01
N SER A 178 -5.79 -5.50 1.00
CA SER A 178 -5.15 -5.78 -0.30
C SER A 178 -4.53 -4.47 -0.81
N GLY A 179 -5.09 -3.32 -0.48
CA GLY A 179 -4.45 -2.08 -0.92
C GLY A 179 -3.14 -1.87 -0.16
N GLY A 180 -3.03 -2.36 1.07
CA GLY A 180 -1.77 -2.30 1.79
C GLY A 180 -0.75 -3.26 1.16
N THR A 181 -1.21 -4.43 0.69
CA THR A 181 -0.32 -5.37 0.01
C THR A 181 0.19 -4.71 -1.26
N MET A 182 -0.72 -4.05 -1.97
CA MET A 182 -0.30 -3.37 -3.19
C MET A 182 0.70 -2.26 -2.90
N THR A 183 0.56 -1.58 -1.75
CA THR A 183 1.51 -0.52 -1.36
C THR A 183 2.89 -1.18 -1.20
N ASN A 184 2.96 -2.30 -0.47
CA ASN A 184 4.23 -2.98 -0.31
C ASN A 184 4.84 -3.34 -1.68
N ARG A 185 4.02 -3.91 -2.58
CA ARG A 185 4.57 -4.30 -3.88
C ARG A 185 5.11 -3.10 -4.67
N ALA A 186 4.36 -2.01 -4.63
CA ALA A 186 4.78 -0.81 -5.36
C ALA A 186 6.05 -0.23 -4.80
N LEU A 187 6.21 -0.24 -3.49
CA LEU A 187 7.43 0.29 -2.87
C LEU A 187 8.64 -0.57 -3.22
N LEU A 188 8.42 -1.87 -3.39
CA LEU A 188 9.55 -2.76 -3.65
C LEU A 188 9.98 -2.69 -5.09
N PHE A 189 9.03 -2.42 -5.99
CA PHE A 189 9.35 -2.35 -7.42
C PHE A 189 9.57 -0.96 -7.95
N ARG A 190 9.06 0.08 -7.26
CA ARG A 190 9.19 1.45 -7.78
C ARG A 190 9.78 2.37 -6.72
N SER A 191 10.82 1.89 -6.04
CA SER A 191 11.45 2.68 -5.00
C SER A 191 12.25 3.86 -5.50
N ASN A 192 12.36 4.02 -6.82
CA ASN A 192 13.04 5.21 -7.31
C ASN A 192 12.02 6.21 -7.82
N PHE A 193 10.74 5.94 -7.54
CA PHE A 193 9.67 6.86 -7.98
C PHE A 193 8.96 7.42 -6.72
N TRP A 194 8.28 6.54 -5.97
CA TRP A 194 7.58 6.96 -4.77
C TRP A 194 8.54 7.46 -3.73
N ALA A 195 8.11 8.42 -2.93
CA ALA A 195 8.92 8.89 -1.79
C ALA A 195 8.67 8.02 -0.60
N GLY A 196 7.57 7.27 -0.59
CA GLY A 196 7.30 6.45 0.59
C GLY A 196 5.85 5.96 0.51
N GLY A 197 5.39 5.32 1.57
CA GLY A 197 4.05 4.79 1.54
C GLY A 197 3.57 4.40 2.91
N LEU A 198 2.29 4.07 2.92
CA LEU A 198 1.56 3.70 4.13
C LEU A 198 0.82 2.36 3.98
N PRO A 199 1.53 1.23 4.08
CA PRO A 199 0.88 -0.09 3.95
C PRO A 199 0.19 -0.45 5.27
N ILE A 200 -1.13 -0.36 5.30
CA ILE A 200 -1.93 -0.65 6.49
C ILE A 200 -2.48 -2.06 6.36
N SER A 201 -2.02 -2.92 7.26
CA SER A 201 -2.49 -4.32 7.30
C SER A 201 -2.41 -4.97 5.94
N GLY A 202 -1.24 -4.85 5.35
CA GLY A 202 -1.00 -5.49 4.05
C GLY A 202 -0.29 -6.82 4.23
N GLU A 203 -0.44 -7.67 3.23
CA GLU A 203 0.27 -8.95 3.26
C GLU A 203 1.70 -8.79 2.72
N TRP A 204 2.49 -9.82 3.03
CA TRP A 204 3.87 -9.97 2.51
C TRP A 204 3.91 -11.31 1.72
N TYR A 205 3.00 -12.23 2.03
CA TYR A 205 2.95 -13.59 1.41
C TYR A 205 4.31 -14.25 1.57
N VAL A 206 4.71 -14.37 2.84
CA VAL A 206 6.02 -14.92 3.17
C VAL A 206 6.30 -16.27 2.49
N THR A 207 7.50 -16.38 1.93
CA THR A 207 7.91 -17.65 1.32
C THR A 207 9.20 -18.12 1.99
N SER A 208 9.66 -19.30 1.59
CA SER A 208 10.94 -19.75 2.07
C SER A 208 12.01 -18.89 1.38
N ASP A 209 13.24 -19.00 1.86
CA ASP A 209 14.33 -18.22 1.26
C ASP A 209 14.53 -18.54 -0.23
N ASP A 210 14.24 -19.76 -0.65
CA ASP A 210 14.38 -20.13 -2.05
C ASP A 210 13.20 -19.73 -2.92
N GLY A 211 12.25 -19.01 -2.33
CA GLY A 211 11.12 -18.56 -3.12
C GLY A 211 9.93 -19.47 -3.07
N THR A 212 10.06 -20.67 -2.52
CA THR A 212 8.95 -21.58 -2.44
C THR A 212 7.72 -21.02 -1.71
N PRO A 213 6.55 -20.96 -2.38
CA PRO A 213 5.35 -20.45 -1.70
C PRO A 213 5.00 -21.32 -0.50
N LEU A 214 4.54 -20.65 0.55
CA LEU A 214 4.14 -21.35 1.77
C LEU A 214 2.67 -21.15 1.96
N SER A 215 2.02 -22.14 2.55
CA SER A 215 0.61 -22.00 2.86
C SER A 215 0.48 -20.92 3.93
N PHE A 216 -0.76 -20.46 4.10
CA PHE A 216 -1.04 -19.45 5.13
C PHE A 216 -0.44 -19.97 6.48
N ASP A 217 -0.72 -21.22 6.85
CA ASP A 217 -0.20 -21.73 8.13
C ASP A 217 1.33 -21.78 8.21
N ASP A 218 1.96 -22.25 7.13
CA ASP A 218 3.39 -22.34 7.14
C ASP A 218 4.06 -20.99 7.12
N ALA A 219 3.44 -20.02 6.44
CA ALA A 219 4.04 -18.68 6.36
C ALA A 219 3.95 -18.04 7.74
N ARG A 220 2.83 -18.28 8.42
CA ARG A 220 2.61 -17.71 9.76
C ARG A 220 3.65 -18.30 10.70
N ALA A 221 3.86 -19.61 10.59
CA ALA A 221 4.86 -20.23 11.45
C ALA A 221 6.29 -19.83 11.18
N ALA A 222 6.64 -19.56 9.91
CA ALA A 222 7.97 -19.20 9.56
C ALA A 222 8.37 -17.89 10.22
N VAL A 223 7.45 -16.93 10.28
CA VAL A 223 7.84 -15.65 10.90
C VAL A 223 7.88 -15.83 12.41
N ALA A 224 6.93 -16.58 12.97
CA ALA A 224 6.95 -16.80 14.43
C ALA A 224 8.26 -17.46 14.85
N ALA A 225 8.83 -18.31 14.00
CA ALA A 225 10.09 -18.98 14.33
C ALA A 225 11.33 -18.09 14.13
N ALA A 226 11.21 -17.04 13.34
CA ALA A 226 12.34 -16.15 13.09
C ALA A 226 11.76 -14.75 12.91
N PRO A 227 11.27 -14.17 13.99
CA PRO A 227 10.65 -12.85 13.89
C PRO A 227 11.47 -11.66 13.53
N THR A 228 12.79 -11.76 13.65
CA THR A 228 13.62 -10.62 13.36
C THR A 228 14.32 -10.79 12.05
N LYS A 229 14.05 -11.86 11.33
CA LYS A 229 14.81 -11.94 10.10
C LYS A 229 14.08 -11.38 8.89
N ILE A 230 14.83 -11.15 7.83
CA ILE A 230 14.24 -10.68 6.59
C ILE A 230 13.69 -11.91 5.88
N HIS A 231 12.39 -11.90 5.64
CA HIS A 231 11.69 -12.98 4.95
C HIS A 231 11.33 -12.57 3.53
N GLN A 232 11.58 -13.47 2.61
CA GLN A 232 11.17 -13.26 1.21
C GLN A 232 9.65 -13.32 1.17
N GLY A 233 9.04 -12.82 0.10
CA GLY A 233 7.58 -12.93 -0.01
C GLY A 233 7.07 -12.73 -1.43
N ARG A 234 5.90 -13.31 -1.69
CA ARG A 234 5.26 -13.23 -3.00
C ARG A 234 4.79 -11.83 -3.31
N VAL A 235 4.75 -10.92 -2.31
CA VAL A 235 4.34 -9.52 -2.59
C VAL A 235 5.37 -8.81 -3.45
N GLY A 236 6.63 -9.27 -3.41
CA GLY A 236 7.67 -8.51 -4.11
C GLY A 236 8.47 -9.29 -5.11
N PRO A 237 9.56 -8.70 -5.56
CA PRO A 237 10.44 -9.37 -6.51
C PRO A 237 10.98 -10.60 -5.77
N TYR A 238 11.41 -11.62 -6.51
CA TYR A 238 12.13 -12.74 -5.91
C TYR A 238 13.56 -12.88 -6.55
N PRO A 239 14.61 -12.71 -5.77
CA PRO A 239 14.63 -12.38 -4.32
C PRO A 239 14.29 -10.90 -4.17
N LEU A 240 14.03 -10.49 -2.93
CA LEU A 240 13.74 -9.08 -2.64
C LEU A 240 14.99 -8.31 -3.01
N PRO A 241 14.84 -7.05 -3.38
CA PRO A 241 16.01 -6.25 -3.77
C PRO A 241 17.04 -6.08 -2.66
N ALA A 242 18.33 -6.07 -3.02
CA ALA A 242 19.38 -5.90 -2.00
C ALA A 242 19.36 -4.47 -1.51
N LYS A 243 18.99 -3.57 -2.41
CA LYS A 243 18.93 -2.15 -2.05
C LYS A 243 17.81 -1.43 -2.76
N VAL A 244 17.06 -0.65 -1.99
CA VAL A 244 15.97 0.12 -2.58
C VAL A 244 16.31 1.58 -2.51
N GLY A 245 15.63 2.35 -3.34
CA GLY A 245 15.75 3.79 -3.38
C GLY A 245 15.32 4.42 -2.05
N PRO A 246 15.55 5.71 -1.87
CA PRO A 246 15.22 6.40 -0.62
C PRO A 246 13.72 6.52 -0.38
N LEU A 247 13.27 6.06 0.79
CA LEU A 247 11.86 6.05 1.14
C LEU A 247 11.64 6.31 2.61
N ILE A 248 10.38 6.65 2.92
CA ILE A 248 9.90 6.58 4.28
C ILE A 248 8.68 5.65 4.20
N VAL A 249 8.66 4.61 5.02
CA VAL A 249 7.56 3.65 4.99
C VAL A 249 6.99 3.55 6.37
N MET A 250 5.67 3.67 6.46
CA MET A 250 4.96 3.55 7.74
C MET A 250 4.02 2.34 7.64
N THR A 251 4.38 1.28 8.34
CA THR A 251 3.57 0.04 8.33
C THR A 251 2.67 0.03 9.54
N VAL A 252 1.39 -0.26 9.35
CA VAL A 252 0.43 -0.24 10.48
C VAL A 252 -0.19 -1.62 10.70
N TRP A 253 -0.15 -2.07 11.95
CA TRP A 253 -0.76 -3.35 12.38
C TRP A 253 -1.94 -2.97 13.28
N GLY A 254 -3.08 -3.65 13.05
CA GLY A 254 -4.32 -3.35 13.78
C GLY A 254 -4.55 -4.16 15.04
N GLY A 255 -3.51 -4.83 15.54
CA GLY A 255 -3.65 -5.59 16.77
C GLY A 255 -4.11 -7.02 16.65
N GLU A 256 -4.49 -7.57 17.81
CA GLU A 256 -4.90 -8.97 17.93
C GLU A 256 -5.95 -9.46 16.97
N LYS A 257 -6.88 -8.58 16.60
CA LYS A 257 -7.93 -8.93 15.68
C LYS A 257 -7.67 -8.56 14.21
N ASP A 258 -6.41 -8.20 13.89
CA ASP A 258 -6.10 -7.84 12.52
C ASP A 258 -5.82 -9.14 11.75
N LEU A 259 -6.93 -9.73 11.28
CA LEU A 259 -6.98 -11.05 10.61
C LEU A 259 -8.03 -10.93 9.55
N TRP A 260 -7.98 -11.78 8.54
CA TRP A 260 -9.00 -11.73 7.48
C TRP A 260 -9.52 -13.12 7.21
N ASN A 261 -10.85 -13.23 7.15
CA ASN A 261 -11.48 -14.51 6.82
C ASN A 261 -12.01 -14.38 5.40
N CYS A 262 -11.58 -15.32 4.57
CA CYS A 262 -12.00 -15.39 3.19
C CYS A 262 -13.42 -15.98 3.17
N THR A 263 -14.09 -15.87 2.03
CA THR A 263 -15.43 -16.44 1.93
C THR A 263 -15.47 -17.47 0.80
N ARG A 264 -15.81 -18.73 1.10
CA ARG A 264 -15.90 -19.75 0.05
C ARG A 264 -17.06 -19.46 -0.91
N PRO A 265 -17.13 -20.21 -2.04
CA PRO A 265 -18.23 -19.94 -2.97
C PRO A 265 -19.57 -20.22 -2.31
N ASP A 266 -19.58 -21.16 -1.36
CA ASP A 266 -20.81 -21.53 -0.66
C ASP A 266 -21.14 -20.56 0.49
N GLY A 267 -20.35 -19.49 0.60
CA GLY A 267 -20.60 -18.48 1.62
C GLY A 267 -19.96 -18.63 2.98
N SER A 268 -19.44 -19.83 3.29
CA SER A 268 -18.80 -20.10 4.57
C SER A 268 -17.51 -19.30 4.64
N ARG A 269 -17.03 -19.04 5.85
CA ARG A 269 -15.81 -18.22 6.03
C ARG A 269 -14.67 -19.03 6.64
N PHE A 270 -13.43 -18.63 6.40
CA PHE A 270 -12.28 -19.33 6.98
C PHE A 270 -11.07 -18.40 7.08
N LEU A 271 -10.27 -18.56 8.11
CA LEU A 271 -9.09 -17.68 8.27
C LEU A 271 -8.07 -17.82 7.13
N CYS A 272 -7.75 -16.73 6.41
CA CYS A 272 -6.79 -16.86 5.31
C CYS A 272 -5.65 -15.87 5.39
N ALA A 273 -5.71 -14.95 6.36
CA ALA A 273 -4.61 -14.00 6.49
C ALA A 273 -4.50 -13.50 7.92
N ASP A 274 -3.27 -13.39 8.39
CA ASP A 274 -2.98 -12.88 9.72
C ASP A 274 -1.95 -11.78 9.45
N TYR A 275 -2.28 -10.55 9.84
CA TYR A 275 -1.35 -9.46 9.47
C TYR A 275 -0.25 -9.17 10.48
N ARG A 276 -0.18 -9.94 11.54
CA ARG A 276 0.94 -9.78 12.47
C ARG A 276 2.26 -10.21 11.73
N PRO A 277 2.31 -11.43 11.15
CA PRO A 277 3.57 -11.76 10.48
C PRO A 277 3.91 -10.88 9.27
N SER A 278 2.90 -10.43 8.54
CA SER A 278 3.18 -9.63 7.35
C SER A 278 3.61 -8.22 7.68
N THR A 279 3.03 -7.59 8.71
CA THR A 279 3.52 -6.27 9.08
C THR A 279 4.93 -6.42 9.70
N GLN A 280 5.16 -7.47 10.46
CA GLN A 280 6.49 -7.69 11.03
C GLN A 280 7.48 -7.86 9.89
N ALA A 281 7.16 -8.75 8.94
CA ALA A 281 8.10 -8.99 7.85
C ALA A 281 8.42 -7.75 7.07
N GLY A 282 7.39 -6.97 6.75
CA GLY A 282 7.68 -5.77 5.98
C GLY A 282 8.52 -4.83 6.80
N SER A 283 8.24 -4.71 8.12
CA SER A 283 9.04 -3.81 8.95
C SER A 283 10.49 -4.27 9.05
N ASN A 284 10.73 -5.57 8.98
CA ASN A 284 12.12 -6.04 9.08
C ASN A 284 12.87 -5.68 7.80
N PHE A 285 12.21 -5.86 6.65
CA PHE A 285 12.90 -5.55 5.42
C PHE A 285 13.17 -4.07 5.28
N PHE A 286 12.16 -3.24 5.54
CA PHE A 286 12.37 -1.81 5.34
C PHE A 286 13.28 -1.19 6.39
N SER A 287 13.26 -1.70 7.61
CA SER A 287 14.13 -1.17 8.61
C SER A 287 15.57 -1.44 8.29
N ALA A 288 15.86 -2.61 7.72
CA ALA A 288 17.23 -2.97 7.40
C ALA A 288 17.81 -2.11 6.28
N GLN A 289 16.97 -1.54 5.43
CA GLN A 289 17.44 -0.73 4.29
C GLN A 289 18.03 0.57 4.76
N PRO A 290 19.27 0.88 4.32
CA PRO A 290 19.91 2.09 4.77
C PRO A 290 19.35 3.41 4.37
N ASP A 291 18.68 3.44 3.22
CA ASP A 291 18.10 4.69 2.77
C ASP A 291 16.61 4.77 3.00
N VAL A 292 16.12 3.94 3.91
CA VAL A 292 14.69 3.94 4.24
C VAL A 292 14.48 4.23 5.72
N VAL A 293 13.56 5.12 6.05
CA VAL A 293 13.11 5.36 7.42
C VAL A 293 11.86 4.48 7.54
N HIS A 294 11.84 3.53 8.46
CA HIS A 294 10.65 2.73 8.64
C HIS A 294 10.01 3.08 9.97
N VAL A 295 8.71 3.35 9.96
CA VAL A 295 7.99 3.65 11.17
C VAL A 295 6.98 2.49 11.39
N ALA A 296 7.06 1.82 12.55
CA ALA A 296 6.15 0.73 12.87
C ALA A 296 5.06 1.28 13.79
N CYS A 297 3.83 1.23 13.37
CA CYS A 297 2.70 1.72 14.14
C CYS A 297 1.74 0.60 14.49
N SER A 298 1.30 0.58 15.75
CA SER A 298 0.33 -0.41 16.21
C SER A 298 -0.92 0.27 16.72
N SER A 299 -2.07 -0.31 16.40
CA SER A 299 -3.34 0.16 16.92
C SER A 299 -4.17 -1.06 17.35
N THR A 300 -5.45 -0.85 17.64
CA THR A 300 -6.25 -1.97 18.15
C THR A 300 -7.57 -2.08 17.47
N HIS A 301 -7.68 -1.50 16.30
CA HIS A 301 -8.93 -1.47 15.57
C HIS A 301 -9.23 -2.69 14.70
N GLY A 302 -8.25 -3.58 14.53
CA GLY A 302 -8.47 -4.76 13.72
C GLY A 302 -8.04 -4.67 12.28
N HIS A 303 -8.84 -5.23 11.39
CA HIS A 303 -8.52 -5.22 9.98
C HIS A 303 -9.50 -4.36 9.22
N MET A 304 -9.29 -3.06 9.28
CA MET A 304 -10.12 -2.07 8.59
C MET A 304 -9.32 -0.78 8.65
N TRP A 305 -9.78 0.25 7.99
CA TRP A 305 -9.02 1.50 8.06
C TRP A 305 -8.99 1.92 9.52
N PRO A 306 -7.91 2.53 9.98
CA PRO A 306 -7.75 3.02 11.37
C PRO A 306 -9.05 3.67 11.81
N GLN A 307 -9.59 3.19 12.94
CA GLN A 307 -10.90 3.63 13.41
C GLN A 307 -10.89 4.66 14.50
N LEU A 308 -9.86 4.61 15.32
CA LEU A 308 -9.75 5.59 16.41
C LEU A 308 -9.16 6.90 15.85
N ASN A 309 -9.87 8.01 16.04
CA ASN A 309 -9.38 9.33 15.57
C ASN A 309 -8.88 9.22 14.15
N THR A 310 -9.74 8.68 13.31
CA THR A 310 -9.38 8.42 11.91
C THR A 310 -8.76 9.57 11.16
N GLN A 311 -9.41 10.72 11.15
CA GLN A 311 -8.83 11.84 10.41
C GLN A 311 -7.59 12.38 11.09
N GLU A 312 -7.55 12.41 12.41
CA GLU A 312 -6.31 12.82 13.08
C GLU A 312 -5.18 11.87 12.63
N PHE A 313 -5.46 10.58 12.54
CA PHE A 313 -4.44 9.64 12.11
C PHE A 313 -4.00 9.89 10.68
N ASN A 314 -4.94 10.11 9.76
CA ASN A 314 -4.60 10.35 8.37
C ASN A 314 -3.72 11.58 8.26
N ARG A 315 -4.07 12.64 9.00
CA ARG A 315 -3.27 13.89 8.90
C ARG A 315 -1.89 13.65 9.47
N TRP A 316 -1.82 12.99 10.63
CA TRP A 316 -0.52 12.71 11.28
C TRP A 316 0.35 11.82 10.38
N ALA A 317 -0.26 10.77 9.83
CA ALA A 317 0.55 9.85 9.01
C ALA A 317 1.06 10.52 7.74
N LEU A 318 0.20 11.22 7.00
CA LEU A 318 0.67 11.85 5.77
C LEU A 318 1.65 12.96 6.06
N ASP A 319 1.43 13.74 7.09
CA ASP A 319 2.39 14.81 7.39
C ASP A 319 3.71 14.23 7.86
N THR A 320 3.70 13.05 8.51
CA THR A 320 4.94 12.39 8.93
C THR A 320 5.68 11.93 7.68
N LEU A 321 4.97 11.30 6.72
CA LEU A 321 5.67 10.91 5.49
C LEU A 321 6.24 12.15 4.77
N ALA A 322 5.46 13.23 4.69
CA ALA A 322 5.90 14.45 3.98
C ALA A 322 7.08 15.14 4.68
N SER A 323 7.31 14.81 5.94
CA SER A 323 8.48 15.37 6.65
C SER A 323 9.78 14.74 6.18
N HIS A 324 9.69 13.71 5.37
CA HIS A 324 10.88 13.04 4.88
C HIS A 324 10.80 12.99 3.36
N PRO A 325 11.03 14.13 2.68
CA PRO A 325 10.98 14.16 1.23
C PRO A 325 12.08 13.24 0.65
N LYS A 326 11.82 12.70 -0.53
CA LYS A 326 12.71 11.74 -1.13
C LYS A 326 14.16 12.20 -1.21
N GLY A 327 15.03 11.40 -0.63
CA GLY A 327 16.48 11.71 -0.65
C GLY A 327 16.96 12.36 0.61
N SER A 328 16.05 12.61 1.55
CA SER A 328 16.38 13.17 2.86
C SER A 328 17.23 12.19 3.60
N ASP A 329 18.03 12.68 4.56
CA ASP A 329 18.89 11.79 5.34
C ASP A 329 18.08 11.12 6.45
N PRO A 330 18.09 9.79 6.53
CA PRO A 330 17.33 9.14 7.60
C PRO A 330 17.69 9.65 8.97
N ARG A 331 18.95 10.06 9.18
CA ARG A 331 19.32 10.51 10.52
C ARG A 331 18.68 11.85 10.90
N SER A 332 18.10 12.53 9.91
CA SER A 332 17.49 13.81 10.18
C SER A 332 16.02 13.64 10.55
N PHE A 333 15.48 12.44 10.34
CA PHE A 333 14.05 12.27 10.64
C PHE A 333 13.73 12.36 12.14
N LYS A 334 12.60 13.00 12.48
CA LYS A 334 12.15 13.12 13.86
C LYS A 334 10.69 12.77 13.95
N LEU A 335 10.39 11.66 14.60
CA LEU A 335 9.01 11.24 14.73
C LEU A 335 8.30 12.10 15.76
N THR A 336 7.06 12.47 15.48
CA THR A 336 6.26 13.20 16.46
C THR A 336 5.21 12.21 16.97
N GLN A 337 4.58 12.54 18.09
CA GLN A 337 3.58 11.66 18.71
C GLN A 337 2.32 11.45 17.88
N PRO A 338 1.93 10.18 17.66
CA PRO A 338 0.72 9.93 16.88
C PRO A 338 -0.51 10.22 17.76
N PRO A 339 -1.69 10.21 17.18
CA PRO A 339 -2.92 10.47 17.94
C PRO A 339 -3.12 9.37 18.97
N GLU A 340 -4.03 9.66 19.89
CA GLU A 340 -4.40 8.66 20.88
C GLU A 340 -4.99 7.44 20.15
N GLY A 341 -4.56 6.27 20.58
CA GLY A 341 -5.03 5.02 19.98
C GLY A 341 -3.95 4.35 19.14
N TYR A 342 -2.78 5.01 19.03
CA TYR A 342 -1.66 4.48 18.21
C TYR A 342 -0.35 4.55 18.98
N THR A 343 0.50 3.57 18.73
CA THR A 343 1.84 3.56 19.35
C THR A 343 2.78 3.31 18.17
N CYS A 344 3.76 4.18 17.99
CA CYS A 344 4.66 4.10 16.85
C CYS A 344 6.11 4.37 17.22
N HIS A 345 7.03 3.80 16.45
CA HIS A 345 8.44 4.10 16.66
C HIS A 345 9.20 3.81 15.38
N VAL A 346 10.40 4.37 15.24
CA VAL A 346 11.21 4.08 14.08
C VAL A 346 11.82 2.69 14.28
N GLY A 347 11.84 1.89 13.23
CA GLY A 347 12.45 0.58 13.30
C GLY A 347 11.46 -0.51 13.02
N PRO A 348 11.86 -1.75 13.27
CA PRO A 348 10.95 -2.87 13.06
C PRO A 348 9.93 -3.00 14.19
N PHE A 349 8.84 -3.73 13.97
CA PHE A 349 7.95 -3.96 15.08
C PHE A 349 8.69 -4.73 16.17
N THR A 350 8.35 -4.43 17.42
CA THR A 350 8.96 -5.12 18.55
C THR A 350 7.92 -5.71 19.46
N GLY A 351 6.68 -5.28 19.35
CA GLY A 351 5.73 -5.84 20.31
C GLY A 351 4.87 -6.98 19.81
N LEU A 352 5.22 -7.56 18.67
CA LEU A 352 4.38 -8.61 18.06
C LEU A 352 4.81 -10.04 18.37
N TYR A 353 6.12 -10.21 18.62
CA TYR A 353 6.69 -11.51 18.97
C TYR A 353 7.66 -11.34 20.14
N ALA A 354 7.77 -12.36 20.95
CA ALA A 354 8.69 -12.32 22.08
C ALA A 354 10.11 -12.21 21.58
N SER A 355 10.92 -11.47 22.34
CA SER A 355 12.31 -11.24 21.97
C SER A 355 13.23 -12.45 22.18
N ALA A 356 14.22 -12.62 21.30
CA ALA A 356 15.18 -13.72 21.44
C ALA A 356 15.71 -13.69 22.88
N TRP A 357 16.41 -12.62 23.24
CA TRP A 357 16.96 -12.44 24.59
C TRP A 357 15.79 -12.38 25.58
#